data_3FB2
#
_entry.id   3FB2
#
_cell.length_a   65.610
_cell.length_b   96.376
_cell.length_c   111.145
_cell.angle_alpha   90.00
_cell.angle_beta   90.00
_cell.angle_gamma   90.00
#
_symmetry.space_group_name_H-M   'P 21 21 21'
#
loop_
_entity.id
_entity.type
_entity.pdbx_description
1 polymer 'Spectrin alpha chain, brain spectrin'
2 water water
#
_entity_poly.entity_id   1
_entity_poly.type   'polypeptide(L)'
_entity_poly.pdbx_seq_one_letter_code
;(MSE)GHHHHHHSHDSHDLQRFLSDFRDL(MSE)SWINGIRGLVSSDELAKDVTGAEALLERHQEHRTEIDARAGTFQAF
EQFGQQLLAHGHYASPEIKQKLDILDQERADLEKAWVQRR(MSE)(MSE)LDQCLELQLFHRDCEQAENW(MSE)AAREA
FLNTEDKGDSLDSVEALIKKHEDFDKAINVQEEKIAALQAFADQLIAAGHYAKGDISSRRNEVLDRWRRLKAQ(MSE)IE
KR
;
_entity_poly.pdbx_strand_id   A,B
#
# COMPACT_ATOMS: atom_id res chain seq x y z
N HIS A 8 -26.50 -27.55 3.28
CA HIS A 8 -25.92 -28.22 4.49
C HIS A 8 -25.44 -27.14 5.45
N SER A 9 -24.29 -27.38 6.08
CA SER A 9 -23.69 -26.42 6.98
C SER A 9 -22.57 -25.78 6.15
N HIS A 10 -22.83 -25.70 4.84
CA HIS A 10 -21.89 -25.15 3.86
C HIS A 10 -21.38 -23.77 4.28
N ASP A 11 -22.30 -22.84 4.49
CA ASP A 11 -21.93 -21.49 4.89
C ASP A 11 -21.23 -21.41 6.23
N SER A 12 -21.62 -22.27 7.17
CA SER A 12 -20.99 -22.27 8.49
C SER A 12 -19.56 -22.83 8.35
N HIS A 13 -19.42 -23.87 7.54
CA HIS A 13 -18.13 -24.48 7.32
C HIS A 13 -17.17 -23.51 6.61
N ASP A 14 -17.71 -22.67 5.73
CA ASP A 14 -16.88 -21.69 5.03
C ASP A 14 -16.42 -20.61 6.00
N LEU A 15 -17.30 -20.21 6.91
CA LEU A 15 -16.97 -19.21 7.91
C LEU A 15 -15.87 -19.80 8.79
N GLN A 16 -16.04 -21.07 9.15
CA GLN A 16 -15.05 -21.76 9.97
C GLN A 16 -13.69 -21.75 9.29
N ARG A 17 -13.68 -22.03 7.99
CA ARG A 17 -12.44 -22.07 7.23
C ARG A 17 -11.84 -20.68 7.17
N PHE A 18 -12.67 -19.70 6.86
CA PHE A 18 -12.20 -18.33 6.76
C PHE A 18 -11.52 -17.92 8.06
N LEU A 19 -12.19 -18.11 9.19
CA LEU A 19 -11.65 -17.73 10.49
C LEU A 19 -10.39 -18.49 10.86
N SER A 20 -10.33 -19.77 10.50
CA SER A 20 -9.15 -20.56 10.84
C SER A 20 -7.96 -20.04 10.04
N ASP A 21 -8.18 -19.75 8.75
CA ASP A 21 -7.12 -19.23 7.91
C ASP A 21 -6.66 -17.90 8.48
N PHE A 22 -7.62 -17.06 8.84
CA PHE A 22 -7.36 -15.75 9.42
C PHE A 22 -6.45 -15.85 10.64
N ARG A 23 -6.85 -16.66 11.61
CA ARG A 23 -6.07 -16.81 12.83
C ARG A 23 -4.68 -17.43 12.55
N ASP A 24 -4.59 -18.37 11.61
CA ASP A 24 -3.30 -18.97 11.27
C ASP A 24 -2.37 -17.92 10.67
N LEU A 25 -2.93 -17.01 9.89
CA LEU A 25 -2.14 -15.94 9.28
C LEU A 25 -1.75 -14.94 10.38
N MSE A 26 -2.70 -14.63 11.25
CA MSE A 26 -2.45 -13.71 12.36
C MSE A 26 -1.31 -14.20 13.26
O MSE A 26 -0.48 -13.41 13.71
CB MSE A 26 -3.72 -13.52 13.20
CG MSE A 26 -4.78 -12.67 12.52
SE MSE A 26 -4.09 -10.88 12.19
CE MSE A 26 -4.43 -10.14 13.97
N SER A 27 -1.26 -15.49 13.51
CA SER A 27 -0.22 -16.02 14.38
C SER A 27 1.15 -15.96 13.70
N TRP A 28 1.18 -16.19 12.40
CA TRP A 28 2.42 -16.12 11.64
C TRP A 28 2.93 -14.67 11.72
N ILE A 29 2.04 -13.71 11.52
CA ILE A 29 2.44 -12.31 11.60
C ILE A 29 3.00 -12.02 12.99
N ASN A 30 2.37 -12.58 14.02
CA ASN A 30 2.83 -12.38 15.39
C ASN A 30 4.29 -12.79 15.53
N GLY A 31 4.62 -13.96 15.00
CA GLY A 31 5.97 -14.48 15.09
C GLY A 31 7.02 -13.61 14.45
N ILE A 32 6.74 -13.14 13.24
CA ILE A 32 7.69 -12.30 12.54
C ILE A 32 7.77 -10.96 13.27
N ARG A 33 6.62 -10.53 13.75
CA ARG A 33 6.50 -9.28 14.47
C ARG A 33 7.47 -9.30 15.68
N GLY A 34 7.46 -10.39 16.44
CA GLY A 34 8.37 -10.49 17.57
C GLY A 34 9.82 -10.60 17.09
N LEU A 35 10.01 -11.34 16.01
CA LEU A 35 11.32 -11.55 15.42
C LEU A 35 11.93 -10.22 15.03
N VAL A 36 11.10 -9.37 14.44
CA VAL A 36 11.53 -8.06 13.97
C VAL A 36 11.61 -7.02 15.09
N SER A 37 11.10 -7.35 16.27
CA SER A 37 11.13 -6.43 17.41
C SER A 37 12.49 -6.38 18.07
N SER A 38 13.39 -7.24 17.63
CA SER A 38 14.72 -7.31 18.22
C SER A 38 15.44 -5.98 18.36
N ASP A 39 16.22 -5.84 19.42
CA ASP A 39 17.00 -4.63 19.67
C ASP A 39 18.49 -4.90 19.56
N GLU A 40 18.84 -6.09 19.10
CA GLU A 40 20.23 -6.50 18.97
C GLU A 40 20.99 -5.71 17.89
N LEU A 41 22.09 -5.09 18.30
CA LEU A 41 22.94 -4.33 17.39
C LEU A 41 24.35 -4.90 17.49
N ALA A 42 25.11 -4.85 16.40
CA ALA A 42 26.46 -5.39 16.41
C ALA A 42 27.45 -4.42 17.04
N LYS A 43 28.65 -4.91 17.35
CA LYS A 43 29.73 -4.13 17.96
C LYS A 43 30.90 -4.39 17.02
N ASP A 44 30.53 -4.58 15.76
CA ASP A 44 31.45 -4.99 14.73
C ASP A 44 30.99 -4.45 13.38
N VAL A 45 31.76 -4.68 12.33
CA VAL A 45 31.32 -4.28 10.99
C VAL A 45 30.91 -5.58 10.31
N THR A 46 31.63 -6.66 10.59
CA THR A 46 31.30 -7.97 10.03
C THR A 46 29.98 -8.43 10.67
N GLY A 47 29.79 -8.08 11.94
CA GLY A 47 28.59 -8.45 12.66
C GLY A 47 27.37 -7.66 12.22
N ALA A 48 27.55 -6.37 11.99
CA ALA A 48 26.45 -5.51 11.56
C ALA A 48 25.99 -5.94 10.17
N GLU A 49 26.91 -6.52 9.42
CA GLU A 49 26.63 -6.97 8.07
C GLU A 49 25.84 -8.28 8.10
N ALA A 50 26.19 -9.14 9.05
CA ALA A 50 25.50 -10.43 9.18
C ALA A 50 24.09 -10.19 9.69
N LEU A 51 23.92 -9.17 10.51
CA LEU A 51 22.61 -8.81 11.07
C LEU A 51 21.70 -8.40 9.92
N LEU A 52 22.25 -7.66 8.96
CA LEU A 52 21.51 -7.21 7.80
C LEU A 52 21.19 -8.39 6.90
N GLU A 53 22.15 -9.29 6.72
CA GLU A 53 21.95 -10.46 5.88
C GLU A 53 20.74 -11.26 6.40
N ARG A 54 20.63 -11.34 7.72
CA ARG A 54 19.53 -12.07 8.35
C ARG A 54 18.20 -11.32 8.22
N HIS A 55 18.25 -9.99 8.30
CA HIS A 55 17.02 -9.22 8.19
C HIS A 55 16.44 -9.34 6.77
N GLN A 56 17.33 -9.49 5.80
CA GLN A 56 16.88 -9.64 4.41
C GLN A 56 16.27 -11.01 4.18
N GLU A 57 16.74 -12.02 4.92
CA GLU A 57 16.19 -13.37 4.77
C GLU A 57 14.77 -13.33 5.30
N HIS A 58 14.55 -12.46 6.28
CA HIS A 58 13.23 -12.30 6.87
C HIS A 58 12.35 -11.56 5.88
N ARG A 59 12.97 -10.68 5.09
CA ARG A 59 12.24 -9.95 4.08
C ARG A 59 11.71 -10.95 3.06
N THR A 60 12.54 -11.89 2.67
CA THR A 60 12.14 -12.92 1.69
C THR A 60 11.07 -13.85 2.26
N GLU A 61 11.10 -14.07 3.57
CA GLU A 61 10.10 -14.93 4.20
C GLU A 61 8.76 -14.23 4.26
N ILE A 62 8.79 -12.93 4.49
CA ILE A 62 7.56 -12.15 4.54
C ILE A 62 6.94 -12.10 3.14
N ASP A 63 7.76 -11.85 2.13
CA ASP A 63 7.28 -11.77 0.76
C ASP A 63 6.83 -13.10 0.19
N ALA A 64 7.36 -14.19 0.72
CA ALA A 64 6.98 -15.52 0.22
C ALA A 64 5.54 -15.84 0.61
N ARG A 65 4.99 -15.07 1.54
CA ARG A 65 3.61 -15.27 1.98
C ARG A 65 2.60 -14.47 1.17
N ALA A 66 3.10 -13.63 0.27
CA ALA A 66 2.23 -12.77 -0.56
C ALA A 66 1.07 -13.50 -1.20
N GLY A 67 1.37 -14.60 -1.87
CA GLY A 67 0.33 -15.38 -2.52
C GLY A 67 -0.70 -15.95 -1.55
N THR A 68 -0.23 -16.35 -0.37
CA THR A 68 -1.12 -16.91 0.65
C THR A 68 -2.11 -15.84 1.10
N PHE A 69 -1.60 -14.64 1.35
CA PHE A 69 -2.46 -13.55 1.78
C PHE A 69 -3.49 -13.20 0.70
N GLN A 70 -3.09 -13.22 -0.56
CA GLN A 70 -4.03 -12.89 -1.63
C GLN A 70 -5.11 -13.98 -1.74
N ALA A 71 -4.74 -15.22 -1.45
CA ALA A 71 -5.72 -16.30 -1.52
C ALA A 71 -6.75 -16.06 -0.42
N PHE A 72 -6.29 -15.53 0.70
CA PHE A 72 -7.19 -15.23 1.80
C PHE A 72 -8.12 -14.09 1.39
N GLU A 73 -7.57 -13.04 0.79
CA GLU A 73 -8.39 -11.90 0.35
C GLU A 73 -9.41 -12.39 -0.67
N GLN A 74 -8.95 -13.24 -1.59
CA GLN A 74 -9.82 -13.80 -2.63
C GLN A 74 -10.96 -14.59 -2.00
N PHE A 75 -10.60 -15.41 -1.00
CA PHE A 75 -11.60 -16.22 -0.28
C PHE A 75 -12.63 -15.29 0.36
N GLY A 76 -12.18 -14.26 1.06
CA GLY A 76 -13.13 -13.33 1.67
C GLY A 76 -13.97 -12.61 0.63
N GLN A 77 -13.39 -12.35 -0.53
CA GLN A 77 -14.09 -11.65 -1.62
C GLN A 77 -15.25 -12.50 -2.12
N GLN A 78 -15.03 -13.80 -2.24
CA GLN A 78 -16.06 -14.72 -2.70
C GLN A 78 -17.19 -14.81 -1.68
N LEU A 79 -16.84 -14.87 -0.40
CA LEU A 79 -17.84 -14.96 0.65
C LEU A 79 -18.70 -13.70 0.65
N LEU A 80 -18.03 -12.55 0.49
CA LEU A 80 -18.72 -11.27 0.46
C LEU A 80 -19.59 -11.13 -0.78
N ALA A 81 -19.04 -11.51 -1.94
CA ALA A 81 -19.77 -11.42 -3.20
C ALA A 81 -21.05 -12.24 -3.24
N HIS A 82 -21.06 -13.34 -2.51
CA HIS A 82 -22.22 -14.21 -2.48
C HIS A 82 -23.12 -13.88 -1.30
N GLY A 83 -22.86 -12.74 -0.66
CA GLY A 83 -23.67 -12.30 0.46
C GLY A 83 -23.73 -13.22 1.67
N HIS A 84 -22.58 -13.71 2.11
CA HIS A 84 -22.54 -14.59 3.27
C HIS A 84 -23.19 -13.87 4.47
N TYR A 85 -24.01 -14.60 5.23
CA TYR A 85 -24.69 -13.99 6.38
C TYR A 85 -23.76 -13.38 7.43
N ALA A 86 -22.48 -13.75 7.42
CA ALA A 86 -21.53 -13.19 8.38
C ALA A 86 -20.65 -12.11 7.74
N SER A 87 -21.09 -11.58 6.60
CA SER A 87 -20.35 -10.55 5.87
C SER A 87 -19.78 -9.47 6.78
N PRO A 88 -20.57 -8.94 7.72
CA PRO A 88 -20.02 -7.91 8.60
C PRO A 88 -18.74 -8.39 9.30
N GLU A 89 -18.84 -9.54 9.97
CA GLU A 89 -17.71 -10.12 10.69
C GLU A 89 -16.58 -10.50 9.75
N ILE A 90 -16.92 -10.96 8.54
CA ILE A 90 -15.90 -11.34 7.58
C ILE A 90 -15.08 -10.12 7.15
N LYS A 91 -15.77 -9.04 6.82
CA LYS A 91 -15.11 -7.81 6.36
C LYS A 91 -14.22 -7.25 7.48
N GLN A 92 -14.70 -7.36 8.72
CA GLN A 92 -13.95 -6.89 9.86
C GLN A 92 -12.61 -7.59 9.94
N LYS A 93 -12.59 -8.89 9.67
CA LYS A 93 -11.35 -9.66 9.71
C LYS A 93 -10.40 -9.18 8.63
N LEU A 94 -10.95 -8.80 7.48
CA LEU A 94 -10.13 -8.29 6.39
C LEU A 94 -9.45 -6.99 6.82
N ASP A 95 -10.21 -6.10 7.46
CA ASP A 95 -9.66 -4.84 7.94
C ASP A 95 -8.52 -5.09 8.94
N ILE A 96 -8.73 -6.04 9.84
CA ILE A 96 -7.73 -6.37 10.83
C ILE A 96 -6.47 -6.91 10.19
N LEU A 97 -6.63 -7.86 9.28
CA LEU A 97 -5.48 -8.43 8.61
C LEU A 97 -4.75 -7.36 7.78
N ASP A 98 -5.50 -6.48 7.13
CA ASP A 98 -4.85 -5.42 6.34
C ASP A 98 -3.96 -4.57 7.25
N GLN A 99 -4.45 -4.28 8.45
CA GLN A 99 -3.73 -3.46 9.41
C GLN A 99 -2.52 -4.19 9.95
N GLU A 100 -2.70 -5.45 10.31
CA GLU A 100 -1.60 -6.24 10.83
C GLU A 100 -0.49 -6.38 9.79
N ARG A 101 -0.87 -6.59 8.53
CA ARG A 101 0.13 -6.72 7.47
C ARG A 101 0.87 -5.39 7.31
N ALA A 102 0.14 -4.28 7.34
CA ALA A 102 0.74 -2.96 7.17
C ALA A 102 1.76 -2.64 8.26
N ASP A 103 1.40 -2.94 9.51
CA ASP A 103 2.26 -2.69 10.66
C ASP A 103 3.50 -3.58 10.61
N LEU A 104 3.35 -4.78 10.04
CA LEU A 104 4.48 -5.68 9.92
C LEU A 104 5.48 -5.09 8.94
N GLU A 105 4.98 -4.61 7.80
CA GLU A 105 5.85 -4.01 6.79
C GLU A 105 6.59 -2.82 7.41
N LYS A 106 5.87 -2.00 8.16
CA LYS A 106 6.49 -0.84 8.80
C LYS A 106 7.49 -1.25 9.88
N ALA A 107 7.22 -2.35 10.57
CA ALA A 107 8.12 -2.82 11.62
C ALA A 107 9.39 -3.36 10.97
N TRP A 108 9.25 -4.01 9.82
CA TRP A 108 10.41 -4.54 9.13
C TRP A 108 11.27 -3.37 8.64
N VAL A 109 10.61 -2.34 8.13
CA VAL A 109 11.33 -1.17 7.63
C VAL A 109 12.08 -0.46 8.74
N GLN A 110 11.40 -0.25 9.88
CA GLN A 110 12.02 0.41 11.02
C GLN A 110 13.28 -0.34 11.50
N ARG A 111 13.19 -1.66 11.59
CA ARG A 111 14.32 -2.47 12.03
C ARG A 111 15.46 -2.40 11.02
N ARG A 112 15.11 -2.34 9.74
CA ARG A 112 16.12 -2.24 8.68
C ARG A 112 16.88 -0.94 8.84
N MSE A 113 16.16 0.15 9.10
CA MSE A 113 16.78 1.46 9.29
C MSE A 113 17.79 1.40 10.44
O MSE A 113 18.89 1.95 10.35
CB MSE A 113 15.73 2.53 9.57
CG MSE A 113 16.27 3.77 10.28
SE MSE A 113 15.03 5.28 10.46
CE MSE A 113 15.99 6.59 9.40
N MSE A 114 17.40 0.74 11.52
CA MSE A 114 18.24 0.62 12.69
C MSE A 114 19.49 -0.18 12.34
O MSE A 114 20.60 0.19 12.74
CB MSE A 114 17.49 -0.05 13.83
CG MSE A 114 17.82 0.50 15.20
SE MSE A 114 17.48 2.41 15.30
CE MSE A 114 15.63 2.37 14.79
N LEU A 115 19.33 -1.26 11.59
CA LEU A 115 20.46 -2.07 11.19
C LEU A 115 21.38 -1.33 10.22
N ASP A 116 20.81 -0.41 9.45
CA ASP A 116 21.62 0.38 8.52
C ASP A 116 22.48 1.32 9.36
N GLN A 117 21.85 2.00 10.31
CA GLN A 117 22.55 2.93 11.18
C GLN A 117 23.58 2.23 12.04
N CYS A 118 23.40 0.93 12.27
CA CYS A 118 24.37 0.18 13.07
C CYS A 118 25.62 0.00 12.22
N LEU A 119 25.43 -0.40 10.97
CA LEU A 119 26.55 -0.59 10.05
C LEU A 119 27.32 0.71 9.89
N GLU A 120 26.61 1.80 9.63
CA GLU A 120 27.24 3.10 9.46
C GLU A 120 28.09 3.46 10.67
N LEU A 121 27.54 3.23 11.87
CA LEU A 121 28.25 3.54 13.10
C LEU A 121 29.48 2.66 13.27
N GLN A 122 29.39 1.42 12.81
CA GLN A 122 30.51 0.50 12.93
C GLN A 122 31.59 0.80 11.91
N LEU A 123 31.20 1.36 10.76
CA LEU A 123 32.16 1.72 9.74
C LEU A 123 32.84 3.03 10.14
N PHE A 124 32.13 3.85 10.89
CA PHE A 124 32.67 5.12 11.36
C PHE A 124 33.67 4.85 12.46
N HIS A 125 33.36 3.88 13.32
CA HIS A 125 34.23 3.52 14.42
C HIS A 125 35.54 2.93 13.89
N ARG A 126 35.46 2.06 12.89
CA ARG A 126 36.68 1.47 12.36
C ARG A 126 37.53 2.50 11.62
N ASP A 127 36.92 3.64 11.31
CA ASP A 127 37.67 4.71 10.65
C ASP A 127 38.39 5.49 11.74
N CYS A 128 37.69 5.71 12.85
CA CYS A 128 38.28 6.43 13.96
C CYS A 128 39.45 5.63 14.52
N GLU A 129 39.42 4.32 14.30
CA GLU A 129 40.48 3.45 14.80
C GLU A 129 41.67 3.38 13.83
N GLN A 130 41.41 3.45 12.54
CA GLN A 130 42.49 3.40 11.55
C GLN A 130 43.34 4.66 11.67
N ALA A 131 42.68 5.77 11.98
CA ALA A 131 43.37 7.05 12.10
C ALA A 131 43.92 7.28 13.50
N GLU A 132 43.35 6.62 14.48
CA GLU A 132 43.79 6.78 15.87
C GLU A 132 44.95 5.85 16.21
N ASN A 133 44.93 4.64 15.66
CA ASN A 133 46.00 3.68 15.90
C ASN A 133 47.26 4.22 15.22
N TRP A 134 47.04 5.03 14.19
CA TRP A 134 48.11 5.62 13.42
C TRP A 134 48.69 6.85 14.11
N MSE A 135 47.84 7.59 14.80
CA MSE A 135 48.30 8.78 15.51
C MSE A 135 49.01 8.41 16.80
O MSE A 135 49.86 9.16 17.29
CB MSE A 135 47.12 9.70 15.84
CG MSE A 135 46.52 10.39 14.63
SE MSE A 135 45.38 11.85 15.15
CE MSE A 135 43.89 10.83 15.83
N ALA A 136 48.66 7.25 17.36
CA ALA A 136 49.29 6.79 18.59
C ALA A 136 50.70 6.30 18.27
N ALA A 137 50.89 5.82 17.05
CA ALA A 137 52.19 5.33 16.61
C ALA A 137 53.13 6.51 16.47
N ARG A 138 52.65 7.59 15.84
CA ARG A 138 53.46 8.78 15.63
C ARG A 138 53.68 9.61 16.90
N GLU A 139 52.90 9.31 17.94
CA GLU A 139 53.03 10.03 19.20
C GLU A 139 54.05 9.36 20.11
N ALA A 140 54.40 8.12 19.79
CA ALA A 140 55.37 7.37 20.59
C ALA A 140 56.79 7.82 20.27
N PHE A 141 57.20 7.65 19.02
CA PHE A 141 58.54 8.05 18.61
C PHE A 141 58.71 9.56 18.60
N LEU A 142 57.73 10.26 19.16
CA LEU A 142 57.76 11.71 19.26
C LEU A 142 57.80 12.11 20.74
N GLU A 162 61.66 11.94 3.96
CA GLU A 162 60.85 12.59 2.94
C GLU A 162 59.72 11.71 2.43
N ASP A 163 59.62 10.51 3.00
CA ASP A 163 58.53 9.60 2.65
C ASP A 163 57.43 10.09 3.59
N PHE A 164 57.89 10.78 4.62
CA PHE A 164 57.09 11.41 5.65
C PHE A 164 56.00 12.19 4.90
N ASP A 165 56.44 13.02 3.96
CA ASP A 165 55.59 13.88 3.15
C ASP A 165 54.37 13.20 2.53
N LYS A 166 54.61 12.26 1.62
CA LYS A 166 53.53 11.57 0.93
C LYS A 166 52.58 10.83 1.87
N ALA A 167 53.11 10.35 2.99
CA ALA A 167 52.32 9.62 3.97
C ALA A 167 51.59 10.55 4.94
N ILE A 168 51.79 11.86 4.77
CA ILE A 168 51.13 12.85 5.61
C ILE A 168 49.92 13.32 4.83
N ASN A 169 50.12 13.47 3.52
CA ASN A 169 49.04 13.89 2.64
C ASN A 169 48.02 12.75 2.61
N VAL A 170 48.52 11.53 2.74
CA VAL A 170 47.69 10.33 2.74
C VAL A 170 46.78 10.30 3.96
N GLN A 171 47.37 10.45 5.13
CA GLN A 171 46.62 10.42 6.38
C GLN A 171 45.66 11.59 6.55
N GLU A 172 45.92 12.67 5.83
CA GLU A 172 45.06 13.86 5.91
C GLU A 172 43.83 13.63 5.05
N GLU A 173 43.97 12.82 4.02
CA GLU A 173 42.86 12.52 3.13
C GLU A 173 41.88 11.64 3.88
N LYS A 174 42.40 10.73 4.71
CA LYS A 174 41.56 9.84 5.48
C LYS A 174 40.81 10.59 6.57
N ILE A 175 41.51 11.51 7.24
CA ILE A 175 40.91 12.30 8.31
C ILE A 175 39.85 13.26 7.76
N ALA A 176 39.89 13.51 6.45
CA ALA A 176 38.93 14.40 5.81
C ALA A 176 37.66 13.62 5.44
N ALA A 177 37.86 12.36 5.08
CA ALA A 177 36.74 11.50 4.74
C ALA A 177 36.03 11.16 6.05
N LEU A 178 36.81 10.89 7.08
CA LEU A 178 36.29 10.56 8.39
C LEU A 178 35.53 11.73 8.99
N GLN A 179 35.76 12.93 8.46
CA GLN A 179 35.08 14.11 8.99
C GLN A 179 33.79 14.39 8.23
N ALA A 180 33.81 14.18 6.92
CA ALA A 180 32.64 14.40 6.09
C ALA A 180 31.63 13.28 6.33
N PHE A 181 32.15 12.08 6.60
CA PHE A 181 31.31 10.92 6.85
C PHE A 181 30.59 11.08 8.18
N ALA A 182 31.27 11.66 9.15
CA ALA A 182 30.67 11.87 10.46
C ALA A 182 29.61 12.96 10.41
N ASP A 183 29.82 13.96 9.55
CA ASP A 183 28.85 15.05 9.44
C ASP A 183 27.65 14.63 8.60
N GLN A 184 27.82 13.59 7.80
CA GLN A 184 26.73 13.07 6.98
C GLN A 184 25.72 12.32 7.86
N LEU A 185 26.24 11.52 8.79
CA LEU A 185 25.41 10.75 9.70
C LEU A 185 24.67 11.65 10.68
N ILE A 186 25.35 12.69 11.16
CA ILE A 186 24.76 13.63 12.10
C ILE A 186 23.62 14.41 11.44
N ALA A 187 23.78 14.68 10.15
CA ALA A 187 22.78 15.42 9.39
C ALA A 187 21.64 14.49 8.95
N ALA A 188 21.89 13.18 9.00
CA ALA A 188 20.88 12.21 8.61
C ALA A 188 20.06 11.75 9.79
N GLY A 189 20.34 12.32 10.97
CA GLY A 189 19.62 11.96 12.17
C GLY A 189 19.99 10.60 12.73
N HIS A 190 21.28 10.37 12.92
CA HIS A 190 21.76 9.10 13.45
C HIS A 190 21.36 8.90 14.90
N TYR A 191 21.18 7.64 15.30
CA TYR A 191 20.79 7.34 16.67
C TYR A 191 21.94 7.60 17.65
N ALA A 192 23.14 7.79 17.11
CA ALA A 192 24.31 8.04 17.95
C ALA A 192 24.92 9.41 17.68
N LYS A 193 24.08 10.37 17.27
CA LYS A 193 24.54 11.73 16.98
C LYS A 193 25.53 12.23 18.03
N GLY A 194 25.16 12.04 19.30
CA GLY A 194 26.01 12.49 20.39
C GLY A 194 27.40 11.87 20.44
N ASP A 195 27.50 10.59 20.14
CA ASP A 195 28.79 9.91 20.18
C ASP A 195 29.55 9.93 18.87
N ILE A 196 28.84 10.20 17.78
CA ILE A 196 29.47 10.29 16.47
C ILE A 196 30.17 11.64 16.38
N SER A 197 29.50 12.67 16.86
CA SER A 197 30.05 14.02 16.84
C SER A 197 31.16 14.14 17.88
N SER A 198 31.04 13.36 18.95
CA SER A 198 32.01 13.37 20.03
C SER A 198 33.32 12.71 19.58
N ARG A 199 33.23 11.53 18.99
CA ARG A 199 34.42 10.82 18.51
C ARG A 199 35.14 11.59 17.42
N ARG A 200 34.38 12.32 16.60
CA ARG A 200 34.98 13.09 15.52
C ARG A 200 35.67 14.34 16.06
N ASN A 201 35.01 15.06 16.94
CA ASN A 201 35.59 16.26 17.54
C ASN A 201 36.86 15.88 18.31
N GLU A 202 36.90 14.63 18.75
CA GLU A 202 38.04 14.13 19.51
C GLU A 202 39.21 13.83 18.58
N VAL A 203 38.92 13.27 17.42
CA VAL A 203 39.96 12.94 16.44
C VAL A 203 40.48 14.18 15.72
N LEU A 204 39.57 15.09 15.37
CA LEU A 204 39.96 16.32 14.67
C LEU A 204 40.84 17.21 15.53
N ASP A 205 40.73 17.07 16.84
CA ASP A 205 41.53 17.87 17.75
C ASP A 205 42.84 17.17 18.08
N ARG A 206 42.80 15.85 18.21
CA ARG A 206 43.99 15.07 18.52
C ARG A 206 44.89 15.04 17.27
N TRP A 207 44.30 15.36 16.12
CA TRP A 207 45.04 15.38 14.87
C TRP A 207 45.75 16.72 14.68
N ARG A 208 45.06 17.80 14.99
CA ARG A 208 45.63 19.13 14.85
C ARG A 208 46.68 19.39 15.91
N ARG A 209 46.78 18.49 16.89
CA ARG A 209 47.77 18.62 17.95
C ARG A 209 49.05 17.92 17.50
N LEU A 210 48.88 16.80 16.80
CA LEU A 210 50.02 16.02 16.29
C LEU A 210 50.50 16.70 15.00
N LYS A 211 49.61 17.47 14.38
CA LYS A 211 49.91 18.18 13.15
C LYS A 211 50.84 19.34 13.48
N ALA A 212 50.66 19.91 14.67
CA ALA A 212 51.45 21.04 15.12
C ALA A 212 52.86 20.62 15.57
N GLN A 213 52.97 19.45 16.19
CA GLN A 213 54.25 18.97 16.67
C GLN A 213 55.10 18.28 15.61
N MSE A 214 54.48 17.79 14.56
CA MSE A 214 55.21 17.13 13.49
C MSE A 214 55.93 18.13 12.59
O MSE A 214 56.81 17.69 11.82
CB MSE A 214 54.27 16.26 12.64
CG MSE A 214 53.88 14.96 13.30
SE MSE A 214 52.80 13.85 12.13
CE MSE A 214 54.13 12.52 11.62
N HIS B 8 36.64 -3.46 -4.90
CA HIS B 8 36.19 -2.68 -3.70
C HIS B 8 35.01 -3.41 -3.05
N SER B 9 35.09 -3.67 -1.74
CA SER B 9 34.04 -4.39 -1.03
C SER B 9 33.02 -3.54 -0.27
N HIS B 10 33.51 -2.50 0.41
CA HIS B 10 32.65 -1.59 1.16
C HIS B 10 31.51 -1.13 0.23
N ASP B 11 31.88 -0.43 -0.83
CA ASP B 11 30.91 0.10 -1.78
C ASP B 11 30.24 -0.97 -2.63
N SER B 12 30.97 -2.05 -2.91
CA SER B 12 30.40 -3.13 -3.71
C SER B 12 29.22 -3.77 -2.99
N HIS B 13 29.39 -4.04 -1.69
CA HIS B 13 28.33 -4.65 -0.90
C HIS B 13 27.14 -3.71 -0.81
N ASP B 14 27.42 -2.41 -0.68
CA ASP B 14 26.38 -1.40 -0.61
C ASP B 14 25.58 -1.40 -1.92
N LEU B 15 26.26 -1.59 -3.03
CA LEU B 15 25.61 -1.60 -4.34
C LEU B 15 24.70 -2.82 -4.45
N GLN B 16 25.21 -3.99 -4.06
CA GLN B 16 24.44 -5.23 -4.14
C GLN B 16 23.23 -5.26 -3.22
N ARG B 17 23.28 -4.44 -2.17
CA ARG B 17 22.19 -4.33 -1.20
C ARG B 17 21.12 -3.45 -1.84
N PHE B 18 21.57 -2.33 -2.41
CA PHE B 18 20.69 -1.38 -3.07
C PHE B 18 19.95 -2.02 -4.25
N LEU B 19 20.67 -2.79 -5.05
CA LEU B 19 20.07 -3.44 -6.21
C LEU B 19 19.10 -4.53 -5.78
N SER B 20 19.41 -5.18 -4.67
CA SER B 20 18.54 -6.22 -4.13
C SER B 20 17.23 -5.53 -3.72
N ASP B 21 17.35 -4.42 -3.00
CA ASP B 21 16.19 -3.66 -2.56
C ASP B 21 15.35 -3.30 -3.80
N PHE B 22 15.99 -2.73 -4.81
CA PHE B 22 15.31 -2.36 -6.04
C PHE B 22 14.47 -3.50 -6.57
N ARG B 23 15.10 -4.66 -6.75
CA ARG B 23 14.39 -5.82 -7.26
C ARG B 23 13.25 -6.27 -6.33
N ASP B 24 13.43 -6.17 -5.02
CA ASP B 24 12.37 -6.56 -4.10
C ASP B 24 11.14 -5.69 -4.29
N LEU B 25 11.37 -4.39 -4.43
CA LEU B 25 10.28 -3.45 -4.62
C LEU B 25 9.64 -3.55 -6.00
N MSE B 26 10.44 -3.78 -7.03
CA MSE B 26 9.90 -3.92 -8.38
C MSE B 26 9.02 -5.17 -8.41
O MSE B 26 7.97 -5.21 -9.05
CB MSE B 26 11.01 -4.06 -9.43
CG MSE B 26 11.48 -2.75 -10.03
SE MSE B 26 10.08 -1.68 -10.87
CE MSE B 26 9.29 -3.04 -12.00
N SER B 27 9.48 -6.19 -7.71
CA SER B 27 8.76 -7.45 -7.65
C SER B 27 7.39 -7.23 -7.03
N TRP B 28 7.36 -6.43 -5.97
CA TRP B 28 6.09 -6.13 -5.30
C TRP B 28 5.18 -5.32 -6.20
N ILE B 29 5.74 -4.32 -6.89
CA ILE B 29 4.94 -3.50 -7.79
C ILE B 29 4.33 -4.37 -8.86
N ASN B 30 5.15 -5.22 -9.49
CA ASN B 30 4.66 -6.10 -10.54
C ASN B 30 3.51 -6.98 -10.05
N GLY B 31 3.73 -7.67 -8.92
CA GLY B 31 2.69 -8.51 -8.37
C GLY B 31 1.39 -7.76 -8.11
N ILE B 32 1.44 -6.76 -7.26
CA ILE B 32 0.25 -5.99 -6.91
C ILE B 32 -0.43 -5.29 -8.10
N ARG B 33 0.35 -4.78 -9.05
CA ARG B 33 -0.29 -4.09 -10.16
C ARG B 33 -1.20 -5.00 -10.97
N GLY B 34 -0.85 -6.28 -11.08
CA GLY B 34 -1.69 -7.21 -11.82
C GLY B 34 -3.05 -7.37 -11.17
N LEU B 35 -3.06 -7.36 -9.84
CA LEU B 35 -4.28 -7.48 -9.05
C LEU B 35 -5.02 -6.16 -9.01
N VAL B 36 -4.26 -5.07 -8.98
CA VAL B 36 -4.84 -3.73 -8.93
C VAL B 36 -5.57 -3.41 -10.24
N SER B 37 -5.28 -4.14 -11.30
CA SER B 37 -5.95 -3.83 -12.55
C SER B 37 -6.55 -4.98 -13.36
N SER B 38 -7.34 -5.81 -12.71
CA SER B 38 -8.03 -6.87 -13.44
C SER B 38 -9.13 -6.12 -14.15
N ASP B 39 -9.74 -6.74 -15.16
CA ASP B 39 -10.82 -6.10 -15.89
C ASP B 39 -12.13 -6.74 -15.46
N GLU B 40 -12.08 -7.45 -14.34
CA GLU B 40 -13.28 -8.11 -13.82
C GLU B 40 -14.28 -7.12 -13.26
N LEU B 41 -15.52 -7.20 -13.73
CA LEU B 41 -16.59 -6.34 -13.25
C LEU B 41 -17.71 -7.26 -12.76
N ALA B 42 -18.46 -6.81 -11.76
CA ALA B 42 -19.53 -7.60 -11.19
C ALA B 42 -20.87 -7.47 -11.93
N LYS B 43 -21.80 -8.36 -11.62
CA LYS B 43 -23.12 -8.34 -12.23
C LYS B 43 -24.26 -8.15 -11.23
N ASP B 44 -23.91 -7.81 -10.00
CA ASP B 44 -24.91 -7.51 -8.97
C ASP B 44 -24.27 -6.63 -7.90
N VAL B 45 -25.09 -6.13 -6.98
CA VAL B 45 -24.63 -5.24 -5.94
C VAL B 45 -23.58 -5.79 -4.98
N THR B 46 -23.80 -6.97 -4.41
CA THR B 46 -22.81 -7.50 -3.48
C THR B 46 -21.52 -7.85 -4.20
N GLY B 47 -21.61 -8.23 -5.47
CA GLY B 47 -20.41 -8.55 -6.21
C GLY B 47 -19.57 -7.29 -6.41
N ALA B 48 -20.25 -6.19 -6.72
CA ALA B 48 -19.57 -4.93 -6.94
C ALA B 48 -18.96 -4.43 -5.63
N GLU B 49 -19.67 -4.63 -4.52
CA GLU B 49 -19.14 -4.21 -3.21
C GLU B 49 -17.94 -5.06 -2.84
N ALA B 50 -17.99 -6.33 -3.19
CA ALA B 50 -16.89 -7.23 -2.88
C ALA B 50 -15.64 -6.81 -3.65
N LEU B 51 -15.81 -6.37 -4.89
CA LEU B 51 -14.65 -5.94 -5.68
C LEU B 51 -14.06 -4.66 -5.09
N LEU B 52 -14.92 -3.76 -4.62
CA LEU B 52 -14.47 -2.52 -4.03
C LEU B 52 -13.73 -2.77 -2.71
N GLU B 53 -14.17 -3.78 -1.95
CA GLU B 53 -13.52 -4.13 -0.69
C GLU B 53 -12.11 -4.67 -0.97
N ARG B 54 -11.99 -5.55 -1.96
CA ARG B 54 -10.70 -6.12 -2.32
C ARG B 54 -9.78 -4.99 -2.76
N HIS B 55 -10.30 -4.07 -3.54
CA HIS B 55 -9.51 -2.95 -4.03
C HIS B 55 -9.04 -2.08 -2.86
N GLN B 56 -9.84 -2.00 -1.82
CA GLN B 56 -9.48 -1.20 -0.65
C GLN B 56 -8.32 -1.87 0.07
N GLU B 57 -8.29 -3.20 0.07
CA GLU B 57 -7.19 -3.91 0.71
C GLU B 57 -5.89 -3.57 -0.01
N HIS B 58 -5.93 -3.52 -1.34
CA HIS B 58 -4.75 -3.20 -2.13
C HIS B 58 -4.30 -1.77 -1.83
N ARG B 59 -5.26 -0.89 -1.61
CA ARG B 59 -4.99 0.52 -1.28
C ARG B 59 -4.22 0.59 0.05
N THR B 60 -4.69 -0.15 1.05
CA THR B 60 -4.02 -0.16 2.34
C THR B 60 -2.62 -0.77 2.23
N GLU B 61 -2.47 -1.79 1.38
CA GLU B 61 -1.17 -2.40 1.23
C GLU B 61 -0.21 -1.46 0.51
N ILE B 62 -0.72 -0.76 -0.50
CA ILE B 62 0.11 0.20 -1.23
C ILE B 62 0.55 1.33 -0.31
N ASP B 63 -0.37 1.82 0.52
CA ASP B 63 -0.05 2.91 1.45
C ASP B 63 1.01 2.47 2.46
N ALA B 64 0.95 1.22 2.87
CA ALA B 64 1.90 0.70 3.85
C ALA B 64 3.33 0.67 3.32
N ARG B 65 3.47 0.59 2.00
CA ARG B 65 4.80 0.56 1.40
C ARG B 65 5.43 1.94 1.22
N ALA B 66 4.67 2.99 1.53
CA ALA B 66 5.18 4.35 1.37
C ALA B 66 6.54 4.48 2.05
N GLY B 67 6.59 4.08 3.31
CA GLY B 67 7.83 4.17 4.08
C GLY B 67 8.96 3.36 3.48
N THR B 68 8.63 2.24 2.86
CA THR B 68 9.64 1.38 2.25
C THR B 68 10.30 2.04 1.04
N PHE B 69 9.50 2.73 0.23
CA PHE B 69 10.04 3.44 -0.93
C PHE B 69 10.87 4.62 -0.48
N GLN B 70 10.47 5.25 0.63
CA GLN B 70 11.20 6.38 1.18
C GLN B 70 12.61 5.95 1.59
N ALA B 71 12.69 4.78 2.20
CA ALA B 71 13.97 4.25 2.65
C ALA B 71 14.87 3.97 1.45
N PHE B 72 14.31 3.37 0.41
CA PHE B 72 15.08 3.05 -0.79
C PHE B 72 15.64 4.34 -1.40
N GLU B 73 14.77 5.33 -1.55
CA GLU B 73 15.17 6.61 -2.13
C GLU B 73 16.30 7.18 -1.28
N GLN B 74 16.05 7.29 0.02
CA GLN B 74 17.03 7.82 0.97
C GLN B 74 18.36 7.06 0.87
N PHE B 75 18.27 5.74 0.69
CA PHE B 75 19.46 4.90 0.58
C PHE B 75 20.21 5.21 -0.71
N GLY B 76 19.47 5.39 -1.81
CA GLY B 76 20.10 5.69 -3.07
C GLY B 76 20.74 7.08 -3.09
N GLN B 77 20.05 8.06 -2.51
CA GLN B 77 20.55 9.42 -2.46
C GLN B 77 21.79 9.52 -1.59
N GLN B 78 21.97 8.53 -0.71
CA GLN B 78 23.14 8.50 0.17
C GLN B 78 24.30 7.97 -0.66
N LEU B 79 24.03 6.95 -1.46
CA LEU B 79 25.05 6.35 -2.31
C LEU B 79 25.52 7.38 -3.34
N LEU B 80 24.63 8.31 -3.67
CA LEU B 80 24.96 9.36 -4.64
C LEU B 80 25.72 10.47 -3.93
N ALA B 81 25.52 10.58 -2.62
CA ALA B 81 26.20 11.60 -1.83
C ALA B 81 27.68 11.26 -1.69
N HIS B 82 27.99 9.99 -1.45
CA HIS B 82 29.38 9.56 -1.29
C HIS B 82 30.06 9.25 -2.62
N GLY B 83 29.50 9.78 -3.71
CA GLY B 83 30.05 9.58 -5.03
C GLY B 83 30.32 8.13 -5.39
N HIS B 84 29.31 7.30 -5.22
CA HIS B 84 29.46 5.88 -5.52
C HIS B 84 29.81 5.67 -6.99
N TYR B 85 30.73 4.74 -7.27
CA TYR B 85 31.16 4.49 -8.63
C TYR B 85 30.03 4.12 -9.59
N ALA B 86 28.94 3.57 -9.06
CA ALA B 86 27.81 3.17 -9.90
C ALA B 86 26.67 4.18 -9.83
N SER B 87 27.00 5.44 -9.54
CA SER B 87 25.99 6.49 -9.46
C SER B 87 25.10 6.49 -10.69
N PRO B 88 25.68 6.34 -11.89
CA PRO B 88 24.84 6.34 -13.09
C PRO B 88 23.70 5.32 -13.00
N GLU B 89 24.03 4.08 -12.67
CA GLU B 89 22.99 3.07 -12.54
C GLU B 89 22.05 3.40 -11.40
N ILE B 90 22.62 3.79 -10.27
CA ILE B 90 21.81 4.13 -9.10
C ILE B 90 20.74 5.16 -9.46
N LYS B 91 21.11 6.19 -10.21
CA LYS B 91 20.14 7.22 -10.60
C LYS B 91 19.03 6.60 -11.48
N GLN B 92 19.39 5.60 -12.28
CA GLN B 92 18.40 4.97 -13.14
C GLN B 92 17.39 4.18 -12.33
N LYS B 93 17.88 3.36 -11.41
CA LYS B 93 17.01 2.55 -10.56
C LYS B 93 16.09 3.40 -9.71
N LEU B 94 16.59 4.54 -9.24
CA LEU B 94 15.77 5.45 -8.46
C LEU B 94 14.66 6.00 -9.36
N ASP B 95 15.02 6.25 -10.62
CA ASP B 95 14.07 6.81 -11.56
C ASP B 95 13.02 5.78 -11.96
N ILE B 96 13.46 4.57 -12.31
CA ILE B 96 12.52 3.53 -12.69
C ILE B 96 11.51 3.23 -11.59
N LEU B 97 12.00 2.94 -10.40
CA LEU B 97 11.12 2.64 -9.27
C LEU B 97 10.13 3.75 -9.04
N ASP B 98 10.62 4.99 -9.01
CA ASP B 98 9.76 6.14 -8.78
C ASP B 98 8.66 6.27 -9.82
N GLN B 99 8.99 6.05 -11.09
CA GLN B 99 7.98 6.17 -12.14
C GLN B 99 7.05 4.95 -12.18
N GLU B 100 7.59 3.78 -11.84
CA GLU B 100 6.77 2.57 -11.82
C GLU B 100 5.76 2.72 -10.67
N ARG B 101 6.20 3.33 -9.57
CA ARG B 101 5.33 3.53 -8.42
C ARG B 101 4.16 4.49 -8.76
N ALA B 102 4.48 5.58 -9.45
CA ALA B 102 3.46 6.55 -9.84
C ALA B 102 2.47 5.92 -10.83
N ASP B 103 2.94 4.91 -11.55
CA ASP B 103 2.11 4.22 -12.52
C ASP B 103 1.13 3.30 -11.79
N LEU B 104 1.62 2.60 -10.76
CA LEU B 104 0.80 1.71 -9.96
C LEU B 104 -0.33 2.54 -9.34
N GLU B 105 0.02 3.75 -8.92
CA GLU B 105 -0.90 4.68 -8.30
C GLU B 105 -2.02 5.04 -9.26
N LYS B 106 -1.69 5.33 -10.52
CA LYS B 106 -2.71 5.66 -11.53
C LYS B 106 -3.58 4.45 -11.83
N ALA B 107 -2.96 3.28 -11.85
CA ALA B 107 -3.72 2.07 -12.13
C ALA B 107 -4.79 1.91 -11.04
N TRP B 108 -4.38 2.05 -9.79
CA TRP B 108 -5.31 1.94 -8.67
C TRP B 108 -6.46 2.95 -8.79
N VAL B 109 -6.15 4.20 -9.05
CA VAL B 109 -7.17 5.24 -9.19
C VAL B 109 -8.16 4.94 -10.33
N GLN B 110 -7.64 4.49 -11.47
CA GLN B 110 -8.47 4.14 -12.62
C GLN B 110 -9.40 2.95 -12.32
N ARG B 111 -8.84 1.91 -11.72
CA ARG B 111 -9.64 0.75 -11.35
C ARG B 111 -10.69 1.13 -10.31
N ARG B 112 -10.34 2.05 -9.42
CA ARG B 112 -11.30 2.49 -8.39
C ARG B 112 -12.49 3.16 -9.09
N MSE B 113 -12.20 4.05 -10.03
CA MSE B 113 -13.26 4.75 -10.77
C MSE B 113 -14.14 3.75 -11.52
O MSE B 113 -15.36 3.90 -11.56
CB MSE B 113 -12.67 5.74 -11.76
CG MSE B 113 -13.74 6.53 -12.52
SE MSE B 113 -13.08 7.44 -14.11
CE MSE B 113 -12.91 5.92 -15.30
N MSE B 114 -13.53 2.73 -12.10
CA MSE B 114 -14.31 1.73 -12.84
C MSE B 114 -15.18 0.95 -11.85
O MSE B 114 -16.33 0.66 -12.12
CB MSE B 114 -13.37 0.78 -13.59
CG MSE B 114 -12.68 1.44 -14.78
SE MSE B 114 -13.91 1.84 -16.26
CE MSE B 114 -14.68 3.48 -15.64
N LEU B 115 -14.64 0.62 -10.68
CA LEU B 115 -15.41 -0.10 -9.69
C LEU B 115 -16.51 0.80 -9.11
N ASP B 116 -16.23 2.09 -8.94
CA ASP B 116 -17.26 3.00 -8.44
C ASP B 116 -18.42 2.97 -9.42
N GLN B 117 -18.09 3.02 -10.71
CA GLN B 117 -19.10 3.01 -11.76
C GLN B 117 -19.84 1.66 -11.85
N CYS B 118 -19.12 0.57 -11.63
CA CYS B 118 -19.77 -0.73 -11.67
C CYS B 118 -20.86 -0.83 -10.60
N LEU B 119 -20.54 -0.45 -9.36
CA LEU B 119 -21.52 -0.48 -8.27
C LEU B 119 -22.71 0.43 -8.62
N GLU B 120 -22.40 1.61 -9.17
CA GLU B 120 -23.46 2.54 -9.57
C GLU B 120 -24.43 1.89 -10.54
N LEU B 121 -23.90 1.16 -11.52
CA LEU B 121 -24.73 0.48 -12.50
C LEU B 121 -25.60 -0.61 -11.88
N GLN B 122 -25.05 -1.35 -10.91
CA GLN B 122 -25.82 -2.39 -10.27
C GLN B 122 -26.97 -1.77 -9.45
N LEU B 123 -26.70 -0.62 -8.84
CA LEU B 123 -27.72 0.08 -8.06
C LEU B 123 -28.81 0.61 -9.00
N PHE B 124 -28.40 1.06 -10.18
CA PHE B 124 -29.36 1.57 -11.16
C PHE B 124 -30.22 0.40 -11.62
N HIS B 125 -29.60 -0.74 -11.88
CA HIS B 125 -30.33 -1.94 -12.29
C HIS B 125 -31.38 -2.31 -11.24
N ARG B 126 -31.01 -2.18 -9.96
CA ARG B 126 -31.96 -2.53 -8.90
C ARG B 126 -33.16 -1.59 -8.96
N ASP B 127 -32.92 -0.30 -9.20
CA ASP B 127 -34.01 0.66 -9.29
C ASP B 127 -34.91 0.29 -10.47
N CYS B 128 -34.31 -0.05 -11.60
CA CYS B 128 -35.09 -0.42 -12.78
C CYS B 128 -35.93 -1.68 -12.53
N GLU B 129 -35.35 -2.69 -11.88
CA GLU B 129 -36.09 -3.91 -11.58
C GLU B 129 -37.30 -3.61 -10.69
N GLN B 130 -37.12 -2.77 -9.67
CA GLN B 130 -38.22 -2.40 -8.79
C GLN B 130 -39.33 -1.77 -9.62
N ALA B 131 -38.97 -0.80 -10.44
CA ALA B 131 -39.95 -0.13 -11.27
C ALA B 131 -40.68 -1.12 -12.17
N GLU B 132 -39.91 -1.96 -12.87
CA GLU B 132 -40.50 -2.93 -13.78
C GLU B 132 -41.35 -3.99 -13.09
N ASN B 133 -40.95 -4.43 -11.90
CA ASN B 133 -41.72 -5.41 -11.16
C ASN B 133 -43.06 -4.80 -10.73
N TRP B 134 -43.03 -3.56 -10.27
CA TRP B 134 -44.23 -2.87 -9.83
C TRP B 134 -45.18 -2.77 -11.02
N MSE B 135 -44.67 -2.32 -12.16
CA MSE B 135 -45.47 -2.18 -13.35
C MSE B 135 -46.00 -3.50 -13.89
O MSE B 135 -47.14 -3.58 -14.37
CB MSE B 135 -44.67 -1.45 -14.44
CG MSE B 135 -44.28 -0.02 -14.05
SE MSE B 135 -43.51 1.00 -15.50
CE MSE B 135 -41.79 0.12 -15.64
N ALA B 136 -45.19 -4.55 -13.84
CA ALA B 136 -45.62 -5.87 -14.33
C ALA B 136 -46.85 -6.32 -13.53
N ALA B 137 -46.84 -6.04 -12.24
CA ALA B 137 -47.94 -6.42 -11.37
C ALA B 137 -49.22 -5.69 -11.76
N ARG B 138 -49.13 -4.38 -11.95
CA ARG B 138 -50.29 -3.59 -12.32
C ARG B 138 -50.85 -3.96 -13.68
N GLU B 139 -49.96 -4.18 -14.65
CA GLU B 139 -50.39 -4.58 -15.99
C GLU B 139 -51.13 -5.93 -15.91
N ALA B 140 -50.76 -6.75 -14.93
CA ALA B 140 -51.35 -8.07 -14.77
C ALA B 140 -52.75 -7.99 -14.18
N PHE B 141 -53.16 -6.80 -13.74
CA PHE B 141 -54.47 -6.63 -13.15
C PHE B 141 -55.38 -5.64 -13.85
N LEU B 142 -55.00 -5.22 -15.06
CA LEU B 142 -55.81 -4.28 -15.83
C LEU B 142 -57.07 -4.98 -16.33
N ASP B 152 -70.38 2.67 -5.35
CA ASP B 152 -70.82 3.67 -6.31
C ASP B 152 -71.36 4.95 -5.65
N SER B 153 -71.45 4.95 -4.33
CA SER B 153 -71.93 6.15 -3.62
C SER B 153 -70.81 7.20 -3.82
N VAL B 154 -71.18 8.48 -3.83
CA VAL B 154 -70.18 9.52 -4.04
C VAL B 154 -69.04 9.51 -3.01
N GLU B 155 -69.34 9.17 -1.76
CA GLU B 155 -68.29 9.14 -0.74
C GLU B 155 -67.29 8.01 -1.02
N ALA B 156 -67.80 6.89 -1.53
CA ALA B 156 -66.97 5.74 -1.85
C ALA B 156 -66.14 6.00 -3.11
N LEU B 157 -66.69 6.78 -4.04
CA LEU B 157 -65.96 7.11 -5.26
C LEU B 157 -64.79 8.01 -4.88
N ILE B 158 -65.04 8.99 -4.02
CA ILE B 158 -64.00 9.90 -3.59
C ILE B 158 -62.86 9.15 -2.92
N LYS B 159 -63.18 8.29 -1.96
CA LYS B 159 -62.16 7.53 -1.27
C LYS B 159 -61.33 6.72 -2.27
N LYS B 160 -62.01 6.05 -3.19
CA LYS B 160 -61.34 5.25 -4.21
C LYS B 160 -60.42 6.09 -5.09
N HIS B 161 -60.89 7.28 -5.48
CA HIS B 161 -60.10 8.18 -6.30
C HIS B 161 -58.88 8.69 -5.54
N GLU B 162 -59.06 8.98 -4.26
CA GLU B 162 -57.97 9.47 -3.44
C GLU B 162 -56.89 8.42 -3.21
N ASP B 163 -57.30 7.17 -3.00
CA ASP B 163 -56.35 6.08 -2.80
C ASP B 163 -55.56 5.84 -4.08
N PHE B 164 -56.24 5.95 -5.22
CA PHE B 164 -55.61 5.74 -6.51
C PHE B 164 -54.51 6.79 -6.69
N ASP B 165 -54.88 8.07 -6.53
CA ASP B 165 -53.92 9.17 -6.68
C ASP B 165 -52.73 9.00 -5.76
N LYS B 166 -52.98 8.62 -4.50
CA LYS B 166 -51.91 8.45 -3.54
C LYS B 166 -50.94 7.39 -4.03
N ALA B 167 -51.48 6.26 -4.51
CA ALA B 167 -50.66 5.17 -5.00
C ALA B 167 -49.85 5.57 -6.22
N ILE B 168 -50.49 6.26 -7.16
CA ILE B 168 -49.78 6.69 -8.35
C ILE B 168 -48.69 7.71 -8.03
N ASN B 169 -48.94 8.58 -7.05
CA ASN B 169 -47.95 9.58 -6.67
C ASN B 169 -46.72 8.96 -6.02
N VAL B 170 -46.91 7.87 -5.28
CA VAL B 170 -45.79 7.21 -4.61
C VAL B 170 -44.87 6.56 -5.62
N GLN B 171 -45.43 5.81 -6.55
CA GLN B 171 -44.64 5.12 -7.56
C GLN B 171 -43.96 6.11 -8.47
N GLU B 172 -44.64 7.21 -8.75
CA GLU B 172 -44.09 8.21 -9.66
C GLU B 172 -42.90 8.96 -9.10
N GLU B 173 -42.78 9.01 -7.79
CA GLU B 173 -41.64 9.69 -7.18
C GLU B 173 -40.45 8.74 -7.32
N LYS B 174 -40.72 7.44 -7.37
CA LYS B 174 -39.65 6.47 -7.52
C LYS B 174 -39.17 6.53 -8.97
N ILE B 175 -40.11 6.72 -9.90
CA ILE B 175 -39.78 6.83 -11.31
C ILE B 175 -38.95 8.08 -11.55
N ALA B 176 -39.29 9.17 -10.87
CA ALA B 176 -38.54 10.43 -11.01
C ALA B 176 -37.13 10.25 -10.47
N ALA B 177 -37.01 9.55 -9.34
CA ALA B 177 -35.70 9.31 -8.73
C ALA B 177 -34.82 8.48 -9.68
N LEU B 178 -35.44 7.50 -10.33
CA LEU B 178 -34.73 6.65 -11.28
C LEU B 178 -34.24 7.47 -12.45
N GLN B 179 -35.12 8.34 -12.95
CA GLN B 179 -34.78 9.21 -14.07
C GLN B 179 -33.64 10.15 -13.67
N ALA B 180 -33.71 10.70 -12.47
CA ALA B 180 -32.65 11.62 -12.01
C ALA B 180 -31.34 10.88 -11.79
N PHE B 181 -31.42 9.62 -11.34
CA PHE B 181 -30.21 8.84 -11.11
C PHE B 181 -29.56 8.54 -12.45
N ALA B 182 -30.37 8.14 -13.42
CA ALA B 182 -29.86 7.84 -14.75
C ALA B 182 -29.24 9.08 -15.39
N ASP B 183 -29.90 10.23 -15.25
CA ASP B 183 -29.36 11.46 -15.84
C ASP B 183 -28.02 11.80 -15.21
N GLN B 184 -27.87 11.53 -13.93
CA GLN B 184 -26.63 11.81 -13.22
C GLN B 184 -25.48 10.94 -13.74
N LEU B 185 -25.74 9.64 -13.94
CA LEU B 185 -24.72 8.73 -14.42
C LEU B 185 -24.28 9.09 -15.85
N ILE B 186 -25.25 9.41 -16.70
CA ILE B 186 -24.95 9.79 -18.08
C ILE B 186 -24.13 11.09 -18.12
N ALA B 187 -24.57 12.09 -17.35
CA ALA B 187 -23.87 13.36 -17.30
C ALA B 187 -22.42 13.17 -16.83
N ALA B 188 -22.19 12.13 -16.03
CA ALA B 188 -20.86 11.86 -15.50
C ALA B 188 -19.96 11.05 -16.45
N GLY B 189 -20.49 10.64 -17.59
CA GLY B 189 -19.69 9.88 -18.53
C GLY B 189 -19.50 8.42 -18.12
N HIS B 190 -20.50 7.87 -17.44
CA HIS B 190 -20.45 6.47 -17.00
C HIS B 190 -20.12 5.60 -18.23
N TYR B 191 -19.34 4.55 -18.04
CA TYR B 191 -18.96 3.67 -19.15
C TYR B 191 -20.16 2.98 -19.82
N ALA B 192 -21.27 2.83 -19.09
CA ALA B 192 -22.45 2.20 -19.67
C ALA B 192 -23.58 3.21 -19.86
N LYS B 193 -23.24 4.46 -20.14
CA LYS B 193 -24.26 5.50 -20.30
C LYS B 193 -25.24 5.23 -21.43
N GLY B 194 -24.81 4.44 -22.42
CA GLY B 194 -25.69 4.12 -23.52
C GLY B 194 -26.78 3.17 -23.05
N ASP B 195 -26.39 2.12 -22.33
CA ASP B 195 -27.35 1.17 -21.82
C ASP B 195 -28.23 1.86 -20.77
N ILE B 196 -27.62 2.70 -19.94
CA ILE B 196 -28.37 3.41 -18.91
C ILE B 196 -29.47 4.26 -19.56
N SER B 197 -29.07 5.07 -20.53
CA SER B 197 -30.00 5.93 -21.25
C SER B 197 -31.08 5.11 -21.92
N SER B 198 -30.73 3.92 -22.37
CA SER B 198 -31.68 3.06 -23.03
C SER B 198 -32.68 2.43 -22.08
N ARG B 199 -32.23 1.90 -20.94
CA ARG B 199 -33.14 1.29 -19.99
C ARG B 199 -34.02 2.34 -19.31
N ARG B 200 -33.51 3.55 -19.18
CA ARG B 200 -34.30 4.61 -18.56
C ARG B 200 -35.48 4.94 -19.47
N ASN B 201 -35.21 5.20 -20.75
CA ASN B 201 -36.27 5.52 -21.70
C ASN B 201 -37.28 4.40 -21.77
N GLU B 202 -36.79 3.17 -21.74
CA GLU B 202 -37.67 2.02 -21.80
C GLU B 202 -38.64 2.06 -20.61
N VAL B 203 -38.11 2.28 -19.41
CA VAL B 203 -38.94 2.33 -18.22
C VAL B 203 -39.90 3.51 -18.25
N LEU B 204 -39.42 4.68 -18.63
CA LEU B 204 -40.26 5.87 -18.72
C LEU B 204 -41.42 5.67 -19.68
N ASP B 205 -41.15 5.11 -20.85
CA ASP B 205 -42.19 4.90 -21.84
C ASP B 205 -43.23 3.90 -21.34
N ARG B 206 -42.77 2.82 -20.73
CA ARG B 206 -43.69 1.82 -20.21
C ARG B 206 -44.51 2.43 -19.07
N TRP B 207 -43.87 3.30 -18.29
CA TRP B 207 -44.58 3.95 -17.19
C TRP B 207 -45.67 4.88 -17.73
N ARG B 208 -45.35 5.63 -18.77
CA ARG B 208 -46.33 6.53 -19.36
C ARG B 208 -47.54 5.77 -19.90
N ARG B 209 -47.28 4.72 -20.66
CA ARG B 209 -48.35 3.91 -21.23
C ARG B 209 -49.22 3.29 -20.14
N LEU B 210 -48.58 2.74 -19.12
CA LEU B 210 -49.31 2.10 -18.01
C LEU B 210 -50.08 3.10 -17.16
N LYS B 211 -49.51 4.28 -16.97
CA LYS B 211 -50.18 5.30 -16.17
C LYS B 211 -51.51 5.66 -16.81
N ALA B 212 -51.51 5.81 -18.13
CA ALA B 212 -52.72 6.16 -18.86
C ALA B 212 -53.76 5.04 -18.78
N GLN B 213 -53.32 3.80 -19.02
CA GLN B 213 -54.22 2.66 -18.95
C GLN B 213 -54.80 2.46 -17.54
N MSE B 214 -54.03 2.84 -16.52
CA MSE B 214 -54.51 2.70 -15.15
C MSE B 214 -55.54 3.78 -14.82
O MSE B 214 -56.52 3.51 -14.12
CB MSE B 214 -53.35 2.81 -14.15
CG MSE B 214 -52.42 1.62 -14.14
SE MSE B 214 -51.11 1.74 -12.72
CE MSE B 214 -52.20 1.03 -11.30
N ILE B 215 -55.31 4.99 -15.33
CA ILE B 215 -56.21 6.11 -15.10
C ILE B 215 -57.58 5.89 -15.73
N GLU B 216 -57.65 5.08 -16.78
CA GLU B 216 -58.93 4.81 -17.43
C GLU B 216 -59.87 4.07 -16.50
N LYS B 217 -59.30 3.39 -15.51
CA LYS B 217 -60.09 2.62 -14.55
C LYS B 217 -60.06 3.25 -13.16
N ARG B 218 -59.53 4.47 -13.08
CA ARG B 218 -59.47 5.18 -11.81
C ARG B 218 -60.86 5.33 -11.19
#